data_8TS0
#
_entry.id   8TS0
#
_cell.length_a   38.911
_cell.length_b   90.316
_cell.length_c   167.805
_cell.angle_alpha   90.00
_cell.angle_beta   90.00
_cell.angle_gamma   90.00
#
_symmetry.space_group_name_H-M   'P 21 21 21'
#
loop_
_entity.id
_entity.type
_entity.pdbx_description
1 polymer '8M24 Fab Heavy chain'
2 polymer '8M24 Fab Light chain'
3 polymer 'Asialoglycoprotein receptor 1'
4 non-polymer GLYCEROL
5 non-polymer 'CALCIUM ION'
6 water water
#
loop_
_entity_poly.entity_id
_entity_poly.type
_entity_poly.pdbx_seq_one_letter_code
_entity_poly.pdbx_strand_id
1 'polypeptide(L)'
;EVQLVQSGAEVKKPGSSVKVSCKASGYTFTNYGINWVRQAPGQGLEWMGEIFPRSDNTFYAQKFQGRVTITADKSTSTAY
MELSSLRSEDTAVYYCARKGRDYGTSHYFDYWGQGTTVTVSSASTKGPSVFPLAPSSKSTSGGTAALGCLVKDYFPEPVT
VSWNSGALTSGVHTFPAVLQSSGLYSLSSVVTVPSSSLGTQTYICNVNHKPSNTKVDKKVEPKSCGSGSGHHHHHH
;
H
2 'polypeptide(L)'
;DIQMTQSPSSLSASVGDRVTITCRISENIYSNLAWYQQKPGKAPKLLIYAAINLADGVPSRFSGSGSGTDFTLTISSLQP
EDFATYYCQHFWGTPFTFGQGTKLEIKRTVAAPSVFIFPPSDEQLKSGTASVVCLLNNFYPREAKVQWKVDNALQSGNSQ
ESVTEQDSKDSTYSLSSTLTLSKADYEKHKVYACEVTHQGLSSPVTKSFNRGEC
;
L
3 'polypeptide(L)'
;HHHHHHHHGSGSGLNDIFEAQKIEWHESGSGCPVNWVEHERSCYWFSRSGKAWADADNYCRLEDAHLVVVTSWEEQKFVQ
HHIGPVNTWMGLHDQNGPWKWVDGTDYETGFKNWRPEQPDDWYGHGLGGGEDCAHFTDDGRWNDDVCQRPYRWVCETELD
KASQEPPLL
;
A
#
# COMPACT_ATOMS: atom_id res chain seq x y z
N GLU A 1 6.79 12.54 20.35
CA GLU A 1 6.20 12.21 19.06
C GLU A 1 6.98 11.13 18.33
N VAL A 2 6.29 10.07 17.91
CA VAL A 2 6.95 8.98 17.21
C VAL A 2 7.17 9.41 15.75
N GLN A 3 8.39 9.20 15.25
CA GLN A 3 8.68 9.45 13.85
C GLN A 3 9.56 8.34 13.30
N LEU A 4 9.26 7.93 12.07
CA LEU A 4 10.08 7.02 11.29
C LEU A 4 10.55 7.79 10.07
N VAL A 5 11.86 7.92 9.90
CA VAL A 5 12.43 8.72 8.82
C VAL A 5 13.30 7.83 7.95
N GLN A 6 12.97 7.77 6.67
CA GLN A 6 13.61 6.87 5.74
C GLN A 6 14.65 7.60 4.89
N SER A 7 15.61 6.82 4.40
CA SER A 7 16.62 7.34 3.49
C SER A 7 15.96 7.75 2.17
N GLY A 8 16.75 8.47 1.35
CA GLY A 8 16.22 9.08 0.14
C GLY A 8 16.08 8.10 -1.02
N ALA A 9 15.40 8.58 -2.06
CA ALA A 9 15.15 7.81 -3.27
C ALA A 9 16.45 7.24 -3.85
N GLU A 10 16.32 6.07 -4.46
CA GLU A 10 17.44 5.32 -5.01
C GLU A 10 17.11 4.88 -6.42
N VAL A 11 18.06 5.03 -7.34
CA VAL A 11 18.00 4.47 -8.67
C VAL A 11 19.00 3.33 -8.74
N LYS A 12 18.54 2.15 -9.14
CA LYS A 12 19.35 0.95 -9.09
C LYS A 12 19.32 0.21 -10.41
N LYS A 13 20.47 -0.33 -10.82
CA LYS A 13 20.47 -1.16 -12.02
C LYS A 13 19.92 -2.54 -11.69
N PRO A 14 19.29 -3.21 -12.65
CA PRO A 14 18.86 -4.60 -12.42
C PRO A 14 20.04 -5.48 -12.03
N GLY A 15 19.79 -6.39 -11.10
CA GLY A 15 20.81 -7.24 -10.55
C GLY A 15 21.53 -6.69 -9.34
N SER A 16 21.40 -5.38 -9.07
CA SER A 16 22.08 -4.79 -7.93
C SER A 16 21.26 -4.99 -6.65
N SER A 17 21.77 -4.46 -5.55
CA SER A 17 21.08 -4.47 -4.27
C SER A 17 20.82 -3.04 -3.83
N VAL A 18 19.74 -2.86 -3.08
CA VAL A 18 19.43 -1.57 -2.47
C VAL A 18 19.27 -1.81 -0.98
N LYS A 19 19.74 -0.86 -0.17
CA LYS A 19 19.51 -0.90 1.26
C LYS A 19 18.84 0.40 1.67
N VAL A 20 17.64 0.29 2.24
CA VAL A 20 16.85 1.43 2.66
C VAL A 20 16.89 1.47 4.18
N SER A 21 17.05 2.66 4.73
CA SER A 21 17.10 2.78 6.19
C SER A 21 15.84 3.46 6.69
N CYS A 22 15.58 3.25 7.99
CA CYS A 22 14.36 3.68 8.66
C CYS A 22 14.79 4.04 10.08
N LYS A 23 14.94 5.34 10.33
CA LYS A 23 15.38 5.80 11.64
C LYS A 23 14.16 6.08 12.50
N ALA A 24 14.07 5.40 13.64
CA ALA A 24 12.94 5.55 14.54
C ALA A 24 13.31 6.47 15.69
N SER A 25 12.34 7.29 16.13
CA SER A 25 12.55 8.17 17.27
CA SER A 25 12.54 8.18 17.25
C SER A 25 11.23 8.29 18.03
N GLY A 26 11.35 8.69 19.30
CA GLY A 26 10.19 8.98 20.10
C GLY A 26 9.57 7.78 20.81
N TYR A 27 10.20 6.61 20.74
CA TYR A 27 9.69 5.47 21.50
C TYR A 27 10.84 4.51 21.72
N THR A 28 10.58 3.48 22.53
CA THR A 28 11.60 2.45 22.79
C THR A 28 11.69 1.53 21.59
N PHE A 29 12.79 1.68 20.84
CA PHE A 29 12.98 1.00 19.57
C PHE A 29 12.80 -0.51 19.69
N THR A 30 13.29 -1.10 20.78
CA THR A 30 13.27 -2.55 20.91
C THR A 30 11.90 -3.10 21.30
N ASN A 31 10.89 -2.25 21.50
CA ASN A 31 9.62 -2.72 22.02
C ASN A 31 8.60 -3.06 20.94
N TYR A 32 8.89 -2.77 19.67
CA TYR A 32 7.94 -2.97 18.59
C TYR A 32 8.67 -3.50 17.36
N GLY A 33 7.99 -4.34 16.61
CA GLY A 33 8.55 -4.79 15.33
C GLY A 33 8.51 -3.67 14.31
N ILE A 34 9.56 -3.64 13.47
CA ILE A 34 9.64 -2.74 12.32
C ILE A 34 9.31 -3.57 11.11
N ASN A 35 8.36 -3.09 10.31
CA ASN A 35 7.86 -3.83 9.15
C ASN A 35 8.19 -3.05 7.91
N TRP A 36 8.36 -3.77 6.81
CA TRP A 36 8.62 -3.16 5.52
C TRP A 36 7.50 -3.55 4.56
N VAL A 37 6.94 -2.55 3.91
CA VAL A 37 5.77 -2.67 3.05
C VAL A 37 6.08 -1.87 1.81
N ARG A 38 5.85 -2.45 0.64
CA ARG A 38 6.16 -1.75 -0.59
C ARG A 38 4.92 -1.57 -1.44
N GLN A 39 4.99 -0.62 -2.37
CA GLN A 39 3.85 -0.27 -3.20
C GLN A 39 4.39 0.08 -4.57
N ALA A 40 4.15 -0.80 -5.53
CA ALA A 40 4.54 -0.53 -6.90
C ALA A 40 3.64 0.57 -7.47
N PRO A 41 4.10 1.31 -8.47
CA PRO A 41 3.30 2.42 -8.99
C PRO A 41 1.89 1.97 -9.38
N GLY A 42 0.89 2.67 -8.84
CA GLY A 42 -0.49 2.38 -9.12
C GLY A 42 -1.06 1.12 -8.50
N GLN A 43 -0.27 0.40 -7.71
CA GLN A 43 -0.67 -0.89 -7.16
C GLN A 43 -0.96 -0.77 -5.67
N GLY A 44 -1.29 -1.90 -5.07
CA GLY A 44 -1.63 -1.95 -3.67
C GLY A 44 -0.41 -2.13 -2.80
N LEU A 45 -0.66 -2.46 -1.54
CA LEU A 45 0.39 -2.60 -0.55
C LEU A 45 0.80 -4.05 -0.43
N GLU A 46 2.10 -4.28 -0.27
CA GLU A 46 2.66 -5.62 -0.19
C GLU A 46 3.61 -5.67 1.00
N TRP A 47 3.28 -6.52 1.98
CA TRP A 47 4.17 -6.70 3.11
C TRP A 47 5.39 -7.53 2.71
N MET A 48 6.57 -7.07 3.12
CA MET A 48 7.83 -7.75 2.81
C MET A 48 8.40 -8.51 3.99
N GLY A 49 8.31 -7.95 5.19
CA GLY A 49 8.94 -8.61 6.31
C GLY A 49 8.94 -7.72 7.52
N GLU A 50 9.42 -8.29 8.61
CA GLU A 50 9.41 -7.65 9.90
C GLU A 50 10.69 -8.03 10.63
N ILE A 51 11.23 -7.11 11.40
CA ILE A 51 12.28 -7.43 12.36
C ILE A 51 11.83 -6.97 13.74
N PHE A 52 12.16 -7.78 14.75
CA PHE A 52 12.00 -7.35 16.11
C PHE A 52 13.36 -6.95 16.63
N PRO A 53 13.64 -5.65 16.83
CA PRO A 53 15.00 -5.23 17.19
C PRO A 53 15.53 -5.83 18.49
N ARG A 54 14.65 -6.11 19.46
CA ARG A 54 15.12 -6.66 20.73
C ARG A 54 15.83 -7.99 20.52
N SER A 55 15.23 -8.87 19.71
CA SER A 55 15.69 -10.23 19.50
C SER A 55 16.43 -10.41 18.18
N ASP A 56 16.30 -9.45 17.27
CA ASP A 56 16.75 -9.54 15.88
C ASP A 56 16.03 -10.65 15.11
N ASN A 57 14.96 -11.22 15.66
CA ASN A 57 14.19 -12.18 14.89
C ASN A 57 13.54 -11.50 13.70
N THR A 58 13.60 -12.16 12.56
CA THR A 58 13.04 -11.63 11.33
C THR A 58 12.03 -12.60 10.75
N PHE A 59 11.09 -12.05 10.00
CA PHE A 59 10.10 -12.83 9.27
C PHE A 59 10.01 -12.19 7.90
N TYR A 60 10.08 -12.99 6.85
CA TYR A 60 10.01 -12.47 5.49
C TYR A 60 8.86 -13.13 4.76
N ALA A 61 8.21 -12.37 3.89
CA ALA A 61 7.29 -12.97 2.96
C ALA A 61 8.05 -13.94 2.05
N GLN A 62 7.45 -15.11 1.84
CA GLN A 62 8.12 -16.19 1.10
C GLN A 62 8.63 -15.74 -0.26
N LYS A 63 7.90 -14.87 -0.94
CA LYS A 63 8.33 -14.48 -2.29
C LYS A 63 9.63 -13.68 -2.28
N PHE A 64 10.00 -13.07 -1.15
CA PHE A 64 11.27 -12.38 -1.06
C PHE A 64 12.35 -13.17 -0.32
N GLN A 65 12.03 -14.34 0.23
CA GLN A 65 13.02 -15.09 1.00
CA GLN A 65 13.03 -15.06 1.01
C GLN A 65 14.25 -15.39 0.14
N GLY A 66 15.42 -15.28 0.75
CA GLY A 66 16.67 -15.39 0.03
C GLY A 66 17.04 -14.17 -0.77
N ARG A 67 16.25 -13.10 -0.68
CA ARG A 67 16.45 -11.92 -1.51
C ARG A 67 16.34 -10.66 -0.67
N VAL A 68 15.60 -10.71 0.44
CA VAL A 68 15.45 -9.58 1.34
C VAL A 68 16.16 -9.89 2.64
N THR A 69 16.81 -8.88 3.19
CA THR A 69 17.43 -8.97 4.51
C THR A 69 17.00 -7.75 5.29
N ILE A 70 16.42 -7.95 6.46
CA ILE A 70 16.06 -6.85 7.33
C ILE A 70 16.98 -6.91 8.54
N THR A 71 17.57 -5.77 8.87
CA THR A 71 18.47 -5.67 10.02
C THR A 71 18.04 -4.50 10.88
N ALA A 72 18.57 -4.48 12.10
CA ALA A 72 18.26 -3.40 13.02
C ALA A 72 19.51 -3.07 13.80
N ASP A 73 19.75 -1.77 13.96
CA ASP A 73 20.87 -1.26 14.75
C ASP A 73 20.26 -0.59 15.97
N LYS A 74 20.29 -1.28 17.11
CA LYS A 74 19.76 -0.73 18.35
C LYS A 74 20.48 0.55 18.76
N SER A 75 21.76 0.68 18.41
CA SER A 75 22.53 1.83 18.87
C SER A 75 22.12 3.14 18.20
N THR A 76 21.50 3.08 17.03
CA THR A 76 21.00 4.27 16.35
C THR A 76 19.49 4.21 16.14
N SER A 77 18.82 3.20 16.70
CA SER A 77 17.39 3.03 16.52
C SER A 77 17.02 3.05 15.04
N THR A 78 17.80 2.35 14.22
CA THR A 78 17.58 2.34 12.79
C THR A 78 17.42 0.90 12.30
N ALA A 79 16.43 0.69 11.45
CA ALA A 79 16.22 -0.59 10.78
C ALA A 79 16.57 -0.42 9.31
N TYR A 80 16.98 -1.51 8.69
CA TYR A 80 17.38 -1.51 7.30
C TYR A 80 16.68 -2.63 6.55
N MET A 81 16.34 -2.38 5.30
CA MET A 81 15.82 -3.40 4.40
C MET A 81 16.74 -3.44 3.20
N GLU A 82 17.36 -4.59 2.96
CA GLU A 82 18.21 -4.80 1.82
C GLU A 82 17.54 -5.79 0.88
N LEU A 83 17.28 -5.36 -0.34
CA LEU A 83 16.68 -6.19 -1.37
C LEU A 83 17.72 -6.38 -2.46
N SER A 84 18.07 -7.63 -2.74
CA SER A 84 19.13 -7.92 -3.70
C SER A 84 18.53 -8.46 -4.99
N SER A 85 19.39 -8.67 -5.97
CA SER A 85 19.01 -9.16 -7.30
C SER A 85 17.81 -8.38 -7.84
N LEU A 86 17.92 -7.06 -7.81
CA LEU A 86 16.78 -6.22 -8.14
C LEU A 86 16.31 -6.47 -9.56
N ARG A 87 15.01 -6.40 -9.77
CA ARG A 87 14.43 -6.50 -11.11
C ARG A 87 13.44 -5.36 -11.29
N SER A 88 13.00 -5.18 -12.54
CA SER A 88 12.11 -4.06 -12.87
C SER A 88 10.88 -4.05 -11.98
N GLU A 89 10.35 -5.22 -11.65
CA GLU A 89 9.16 -5.27 -10.82
C GLU A 89 9.42 -4.87 -9.38
N ASP A 90 10.67 -4.64 -9.00
CA ASP A 90 10.95 -4.13 -7.67
C ASP A 90 10.85 -2.61 -7.59
N THR A 91 10.61 -1.94 -8.72
CA THR A 91 10.36 -0.50 -8.70
C THR A 91 9.11 -0.23 -7.88
N ALA A 92 9.27 0.55 -6.82
CA ALA A 92 8.19 0.70 -5.84
C ALA A 92 8.59 1.78 -4.84
N VAL A 93 7.61 2.21 -4.06
CA VAL A 93 7.88 2.98 -2.85
C VAL A 93 7.91 1.99 -1.71
N TYR A 94 8.98 2.02 -0.95
CA TYR A 94 9.23 1.13 0.17
C TYR A 94 8.98 1.91 1.45
N TYR A 95 8.08 1.38 2.30
CA TYR A 95 7.75 2.02 3.57
C TYR A 95 8.25 1.16 4.71
N CYS A 96 8.72 1.80 5.76
CA CYS A 96 8.81 1.08 7.03
C CYS A 96 7.64 1.50 7.90
N ALA A 97 7.23 0.60 8.78
CA ALA A 97 6.10 0.86 9.65
C ALA A 97 6.34 0.18 10.98
N ARG A 98 5.96 0.87 12.05
CA ARG A 98 6.03 0.29 13.38
C ARG A 98 4.78 -0.55 13.63
N LYS A 99 4.96 -1.77 14.12
CA LYS A 99 3.81 -2.59 14.49
C LYS A 99 3.50 -2.27 15.95
N GLY A 100 2.60 -1.32 16.15
CA GLY A 100 2.11 -1.00 17.47
C GLY A 100 1.14 -2.05 17.98
N ARG A 101 0.65 -1.83 19.19
CA ARG A 101 -0.26 -2.78 19.81
C ARG A 101 -1.05 -2.07 20.90
N ASP A 102 -2.34 -2.44 21.03
CA ASP A 102 -3.10 -2.23 22.26
C ASP A 102 -2.95 -3.52 23.05
N TYR A 103 -2.48 -3.44 24.29
CA TYR A 103 -2.24 -4.65 25.07
C TYR A 103 -3.47 -5.56 25.08
N GLY A 104 -3.22 -6.84 24.79
CA GLY A 104 -4.23 -7.86 24.87
C GLY A 104 -5.31 -7.79 23.80
N THR A 105 -5.16 -6.94 22.79
CA THR A 105 -6.19 -6.93 21.76
C THR A 105 -5.53 -7.20 20.41
N SER A 106 -5.05 -6.18 19.72
CA SER A 106 -4.47 -6.46 18.42
C SER A 106 -3.29 -5.55 18.14
N HIS A 107 -2.65 -5.84 17.02
CA HIS A 107 -1.54 -5.07 16.49
C HIS A 107 -2.00 -4.26 15.29
N TYR A 108 -1.17 -3.31 14.91
CA TYR A 108 -1.51 -2.40 13.81
C TYR A 108 -0.27 -1.62 13.43
N PHE A 109 -0.28 -1.09 12.21
CA PHE A 109 0.83 -0.23 11.76
C PHE A 109 0.43 1.21 12.07
N ASP A 110 0.89 1.74 13.21
CA ASP A 110 0.42 3.07 13.58
C ASP A 110 1.31 4.18 13.04
N TYR A 111 2.63 3.99 13.02
CA TYR A 111 3.54 5.00 12.51
C TYR A 111 4.26 4.45 11.30
N TRP A 112 4.30 5.26 10.25
CA TRP A 112 4.91 4.89 8.98
C TRP A 112 6.03 5.86 8.64
N GLY A 113 7.08 5.34 8.02
CA GLY A 113 8.04 6.20 7.37
C GLY A 113 7.41 6.93 6.20
N GLN A 114 8.16 7.89 5.65
CA GLN A 114 7.61 8.69 4.56
C GLN A 114 7.68 7.97 3.23
N GLY A 115 8.31 6.81 3.18
CA GLY A 115 8.46 6.13 1.91
C GLY A 115 9.79 6.45 1.27
N THR A 116 10.33 5.46 0.59
CA THR A 116 11.54 5.61 -0.20
C THR A 116 11.26 5.07 -1.59
N THR A 117 11.42 5.92 -2.59
CA THR A 117 11.21 5.48 -3.96
C THR A 117 12.46 4.76 -4.45
N VAL A 118 12.28 3.54 -4.93
CA VAL A 118 13.37 2.76 -5.51
C VAL A 118 12.98 2.48 -6.96
N THR A 119 13.79 2.98 -7.89
CA THR A 119 13.55 2.77 -9.31
C THR A 119 14.61 1.81 -9.82
N VAL A 120 14.18 0.67 -10.34
CA VAL A 120 15.10 -0.30 -10.90
C VAL A 120 15.05 -0.16 -12.42
N SER A 121 16.19 0.22 -12.99
CA SER A 121 16.23 0.58 -14.40
C SER A 121 17.66 0.45 -14.88
N SER A 122 17.81 0.02 -16.14
CA SER A 122 19.10 0.07 -16.80
C SER A 122 19.36 1.42 -17.44
N ALA A 123 18.42 2.35 -17.34
CA ALA A 123 18.63 3.70 -17.86
C ALA A 123 19.61 4.46 -16.97
N SER A 124 20.21 5.50 -17.53
CA SER A 124 21.04 6.40 -16.76
C SER A 124 20.45 7.81 -16.84
N THR A 125 20.96 8.70 -15.99
CA THR A 125 20.37 10.03 -15.87
C THR A 125 20.37 10.72 -17.23
N LYS A 126 19.21 11.26 -17.62
CA LYS A 126 19.08 11.85 -18.94
C LYS A 126 18.02 12.95 -18.92
N GLY A 127 18.38 14.12 -19.43
CA GLY A 127 17.45 15.23 -19.49
C GLY A 127 16.48 15.08 -20.64
N PRO A 128 15.30 15.66 -20.51
CA PRO A 128 14.27 15.49 -21.54
C PRO A 128 14.52 16.32 -22.78
N SER A 129 13.95 15.84 -23.88
CA SER A 129 13.68 16.66 -25.04
C SER A 129 12.27 17.19 -24.87
N VAL A 130 12.06 18.47 -25.17
CA VAL A 130 10.78 19.12 -24.96
C VAL A 130 10.25 19.55 -26.32
N PHE A 131 9.10 19.00 -26.71
CA PHE A 131 8.56 19.32 -28.01
C PHE A 131 7.22 20.03 -27.88
N PRO A 132 6.93 20.99 -28.75
CA PRO A 132 5.67 21.72 -28.65
C PRO A 132 4.50 20.87 -29.13
N LEU A 133 3.39 20.98 -28.40
CA LEU A 133 2.10 20.45 -28.82
C LEU A 133 1.31 21.65 -29.33
N ALA A 134 1.25 21.79 -30.67
CA ALA A 134 0.84 23.08 -31.20
C ALA A 134 -0.68 23.14 -31.37
N PRO A 135 -1.27 24.29 -31.02
CA PRO A 135 -2.72 24.52 -31.14
C PRO A 135 -3.20 24.46 -32.58
N GLY A 143 -13.66 28.36 -29.89
CA GLY A 143 -13.40 29.39 -28.91
C GLY A 143 -12.23 29.08 -27.99
N THR A 144 -11.96 27.81 -27.77
CA THR A 144 -10.90 27.37 -26.87
C THR A 144 -9.85 26.60 -27.65
N ALA A 145 -8.58 26.91 -27.39
CA ALA A 145 -7.45 26.25 -28.03
C ALA A 145 -6.64 25.53 -26.97
N ALA A 146 -6.23 24.30 -27.28
CA ALA A 146 -5.32 23.55 -26.43
C ALA A 146 -3.92 23.61 -27.02
N LEU A 147 -2.93 23.80 -26.15
CA LEU A 147 -1.55 23.67 -26.54
C LEU A 147 -0.81 22.97 -25.41
N GLY A 148 0.39 22.51 -25.69
CA GLY A 148 1.10 21.83 -24.62
C GLY A 148 2.55 21.61 -24.97
N CYS A 149 3.19 20.84 -24.10
CA CYS A 149 4.57 20.42 -24.31
C CYS A 149 4.65 18.93 -24.04
N LEU A 150 5.31 18.23 -24.94
CA LEU A 150 5.66 16.84 -24.74
C LEU A 150 7.08 16.78 -24.17
N VAL A 151 7.21 16.23 -22.98
CA VAL A 151 8.47 16.18 -22.27
C VAL A 151 8.93 14.73 -22.35
N LYS A 152 9.78 14.44 -23.33
CA LYS A 152 10.03 13.07 -23.76
C LYS A 152 11.45 12.63 -23.43
N ASP A 153 11.60 11.34 -23.07
CA ASP A 153 12.89 10.67 -23.02
C ASP A 153 13.79 11.25 -21.92
N TYR A 154 13.31 11.14 -20.68
CA TYR A 154 14.11 11.58 -19.55
C TYR A 154 14.13 10.49 -18.48
N PHE A 155 15.09 10.63 -17.59
CA PHE A 155 15.25 9.69 -16.49
C PHE A 155 16.16 10.29 -15.45
N PRO A 156 15.89 10.08 -14.16
CA PRO A 156 14.68 9.43 -13.66
C PRO A 156 13.59 10.44 -13.43
N GLU A 157 12.50 10.01 -12.82
CA GLU A 157 11.50 10.94 -12.36
CA GLU A 157 11.50 10.95 -12.39
C GLU A 157 12.07 11.81 -11.26
N PRO A 158 11.53 13.02 -11.05
CA PRO A 158 10.45 13.67 -11.78
C PRO A 158 10.92 14.81 -12.63
N VAL A 159 10.02 15.32 -13.45
CA VAL A 159 10.15 16.62 -14.07
C VAL A 159 9.03 17.49 -13.51
N THR A 160 9.29 18.78 -13.42
CA THR A 160 8.24 19.75 -13.14
C THR A 160 8.00 20.57 -14.39
N VAL A 161 6.74 20.94 -14.59
CA VAL A 161 6.37 21.79 -15.71
C VAL A 161 5.52 22.92 -15.17
N SER A 162 5.91 24.14 -15.50
CA SER A 162 5.07 25.32 -15.28
CA SER A 162 5.10 25.34 -15.28
C SER A 162 4.80 25.97 -16.63
N TRP A 163 3.90 26.94 -16.65
CA TRP A 163 3.55 27.63 -17.88
C TRP A 163 3.68 29.12 -17.66
N ASN A 164 4.37 29.80 -18.59
CA ASN A 164 4.63 31.23 -18.51
C ASN A 164 5.21 31.60 -17.15
N SER A 165 6.15 30.79 -16.68
CA SER A 165 6.88 31.05 -15.44
C SER A 165 5.95 31.07 -14.24
N GLY A 166 4.92 30.23 -14.27
CA GLY A 166 3.96 30.13 -13.19
C GLY A 166 2.81 31.09 -13.24
N ALA A 167 2.80 32.05 -14.18
CA ALA A 167 1.68 32.97 -14.29
C ALA A 167 0.43 32.28 -14.83
N LEU A 168 0.61 31.29 -15.69
CA LEU A 168 -0.49 30.54 -16.29
C LEU A 168 -0.70 29.27 -15.49
N THR A 169 -1.77 29.23 -14.69
CA THR A 169 -2.07 28.04 -13.90
C THR A 169 -3.43 27.44 -14.21
N SER A 170 -4.43 28.27 -14.48
CA SER A 170 -5.77 27.77 -14.71
C SER A 170 -5.85 26.99 -16.01
N GLY A 171 -6.48 25.82 -15.96
CA GLY A 171 -6.58 24.99 -17.15
C GLY A 171 -5.34 24.22 -17.51
N VAL A 172 -4.31 24.26 -16.67
CA VAL A 172 -3.10 23.48 -16.91
C VAL A 172 -3.33 22.04 -16.43
N HIS A 173 -2.94 21.08 -17.24
CA HIS A 173 -2.96 19.67 -16.85
C HIS A 173 -1.60 19.08 -17.18
N THR A 174 -0.85 18.69 -16.16
CA THR A 174 0.43 18.03 -16.36
C THR A 174 0.23 16.56 -16.02
N PHE A 175 0.44 15.72 -16.97
CA PHE A 175 0.01 14.34 -16.82
C PHE A 175 1.06 13.50 -16.12
N PRO A 176 0.65 12.42 -15.46
CA PRO A 176 1.64 11.49 -14.92
C PRO A 176 2.48 10.94 -16.05
N ALA A 177 3.76 10.78 -15.76
CA ALA A 177 4.69 10.24 -16.76
C ALA A 177 4.31 8.81 -17.09
N VAL A 178 4.66 8.39 -18.31
CA VAL A 178 4.58 6.99 -18.66
C VAL A 178 5.99 6.49 -18.91
N LEU A 179 6.22 5.22 -18.63
CA LEU A 179 7.53 4.61 -18.85
C LEU A 179 7.55 3.98 -20.23
N GLN A 180 8.46 4.45 -21.09
CA GLN A 180 8.55 3.92 -22.43
C GLN A 180 9.38 2.64 -22.45
N SER A 181 9.24 1.88 -23.54
CA SER A 181 9.97 0.63 -23.63
C SER A 181 11.47 0.85 -23.63
N SER A 182 11.93 2.05 -23.95
CA SER A 182 13.34 2.40 -23.88
C SER A 182 13.86 2.49 -22.46
N GLY A 183 12.98 2.51 -21.47
CA GLY A 183 13.39 2.81 -20.12
C GLY A 183 13.35 4.28 -19.76
N LEU A 184 13.00 5.14 -20.69
CA LEU A 184 12.91 6.57 -20.43
C LEU A 184 11.45 6.95 -20.24
N TYR A 185 11.24 7.98 -19.43
CA TYR A 185 9.92 8.49 -19.18
C TYR A 185 9.51 9.52 -20.21
N SER A 186 8.21 9.71 -20.32
CA SER A 186 7.66 10.73 -21.20
C SER A 186 6.40 11.26 -20.55
N LEU A 187 6.20 12.57 -20.62
CA LEU A 187 4.94 13.09 -20.16
C LEU A 187 4.57 14.29 -21.01
N SER A 188 3.30 14.66 -20.92
CA SER A 188 2.80 15.85 -21.57
C SER A 188 2.17 16.76 -20.53
N SER A 189 2.26 18.05 -20.79
CA SER A 189 1.58 19.07 -20.01
C SER A 189 0.80 19.90 -21.01
N VAL A 190 -0.48 20.15 -20.71
CA VAL A 190 -1.32 20.88 -21.65
C VAL A 190 -1.99 22.01 -20.90
N VAL A 191 -2.46 22.98 -21.65
CA VAL A 191 -3.26 24.06 -21.09
C VAL A 191 -4.23 24.50 -22.18
N THR A 192 -5.49 24.72 -21.80
CA THR A 192 -6.48 25.25 -22.71
C THR A 192 -6.58 26.76 -22.51
N VAL A 193 -6.57 27.49 -23.61
CA VAL A 193 -6.60 28.96 -23.58
C VAL A 193 -7.54 29.44 -24.66
N PRO A 194 -8.03 30.67 -24.55
CA PRO A 194 -8.89 31.20 -25.61
C PRO A 194 -8.15 31.28 -26.94
N SER A 195 -8.82 30.83 -28.00
CA SER A 195 -8.25 30.93 -29.34
C SER A 195 -7.80 32.35 -29.66
N SER A 196 -8.55 33.35 -29.18
CA SER A 196 -8.25 34.74 -29.45
C SER A 196 -6.98 35.23 -28.76
N SER A 197 -6.43 34.46 -27.83
CA SER A 197 -5.21 34.85 -27.14
C SER A 197 -3.95 34.44 -27.90
N LEU A 198 -4.07 33.62 -28.93
CA LEU A 198 -2.90 33.01 -29.56
C LEU A 198 -1.98 34.05 -30.19
N GLY A 199 -2.54 35.17 -30.64
CA GLY A 199 -1.76 36.23 -31.24
C GLY A 199 -1.42 37.36 -30.31
N THR A 200 -1.88 37.32 -29.06
CA THR A 200 -1.61 38.37 -28.10
C THR A 200 -0.76 37.92 -26.92
N GLN A 201 -0.51 36.61 -26.76
CA GLN A 201 0.26 36.12 -25.62
C GLN A 201 1.15 34.97 -26.05
N THR A 202 2.45 35.08 -25.77
CA THR A 202 3.34 33.95 -25.93
C THR A 202 3.07 32.92 -24.84
N TYR A 203 3.10 31.64 -25.21
CA TYR A 203 2.97 30.55 -24.25
C TYR A 203 4.27 29.77 -24.20
N ILE A 204 4.79 29.60 -22.99
CA ILE A 204 6.07 28.96 -22.76
C ILE A 204 5.88 27.91 -21.68
N CYS A 205 6.30 26.68 -21.96
CA CYS A 205 6.32 25.68 -20.91
C CYS A 205 7.71 25.63 -20.32
N ASN A 206 7.77 25.75 -18.99
CA ASN A 206 9.03 25.77 -18.24
C ASN A 206 9.24 24.37 -17.68
N VAL A 207 10.20 23.67 -18.26
CA VAL A 207 10.47 22.29 -17.88
C VAL A 207 11.74 22.26 -17.06
N ASN A 208 11.67 21.64 -15.88
CA ASN A 208 12.83 21.47 -15.02
C ASN A 208 13.00 20.00 -14.69
N HIS A 209 14.16 19.45 -15.04
CA HIS A 209 14.51 18.08 -14.69
C HIS A 209 15.75 18.18 -13.80
N LYS A 210 15.52 18.30 -12.49
CA LYS A 210 16.64 18.49 -11.57
C LYS A 210 17.68 17.37 -11.63
N PRO A 211 17.33 16.08 -11.68
CA PRO A 211 18.38 15.05 -11.71
C PRO A 211 19.45 15.28 -12.75
N SER A 212 19.13 15.92 -13.89
CA SER A 212 20.11 16.19 -14.93
C SER A 212 20.49 17.66 -15.05
N ASN A 213 19.97 18.52 -14.18
CA ASN A 213 20.19 19.97 -14.31
C ASN A 213 19.72 20.51 -15.66
N THR A 214 18.63 19.95 -16.18
CA THR A 214 18.10 20.38 -17.47
C THR A 214 16.93 21.33 -17.21
N LYS A 215 17.03 22.53 -17.75
CA LYS A 215 15.96 23.50 -17.75
C LYS A 215 15.70 23.90 -19.19
N VAL A 216 14.46 23.70 -19.62
CA VAL A 216 14.04 24.05 -20.97
C VAL A 216 12.85 24.99 -20.84
N ASP A 217 12.91 26.11 -21.54
CA ASP A 217 11.78 27.02 -21.66
C ASP A 217 11.39 26.97 -23.13
N LYS A 218 10.35 26.20 -23.43
CA LYS A 218 9.97 25.92 -24.81
C LYS A 218 8.78 26.79 -25.20
N LYS A 219 8.97 27.62 -26.22
CA LYS A 219 7.88 28.42 -26.74
C LYS A 219 6.97 27.54 -27.57
N VAL A 220 5.67 27.64 -27.33
CA VAL A 220 4.66 26.88 -28.05
C VAL A 220 3.82 27.86 -28.85
N GLU A 221 3.95 27.82 -30.16
CA GLU A 221 3.22 28.75 -31.02
C GLU A 221 2.44 27.96 -32.06
N PRO A 222 1.36 28.56 -32.61
CA PRO A 222 0.54 27.90 -33.64
C PRO A 222 1.31 27.49 -34.89
N ASP B 1 -0.79 -17.55 1.28
CA ASP B 1 -1.17 -16.29 1.90
C ASP B 1 -2.70 -16.14 1.97
N ILE B 2 -3.16 -15.61 3.11
CA ILE B 2 -4.58 -15.32 3.28
C ILE B 2 -5.04 -14.37 2.19
N GLN B 3 -6.22 -14.66 1.64
CA GLN B 3 -6.77 -13.82 0.58
C GLN B 3 -7.69 -12.79 1.21
N MET B 4 -7.50 -11.54 0.80
CA MET B 4 -8.24 -10.38 1.29
C MET B 4 -9.01 -9.84 0.11
N THR B 5 -10.33 -9.94 0.15
CA THR B 5 -11.15 -9.48 -0.96
C THR B 5 -11.92 -8.23 -0.55
N GLN B 6 -11.48 -7.10 -1.06
CA GLN B 6 -12.05 -5.83 -0.70
C GLN B 6 -13.05 -5.41 -1.79
N SER B 7 -14.20 -4.91 -1.38
CA SER B 7 -15.18 -4.46 -2.37
C SER B 7 -15.87 -3.20 -1.88
N PRO B 8 -16.22 -2.29 -2.80
CA PRO B 8 -15.88 -2.38 -4.22
C PRO B 8 -14.45 -1.91 -4.45
N SER B 9 -13.91 -2.05 -5.66
CA SER B 9 -12.56 -1.54 -5.88
C SER B 9 -12.58 -0.03 -6.10
N SER B 10 -13.69 0.52 -6.55
CA SER B 10 -13.81 1.94 -6.80
C SER B 10 -15.22 2.34 -6.42
N LEU B 11 -15.34 3.52 -5.82
CA LEU B 11 -16.63 4.05 -5.40
C LEU B 11 -16.66 5.54 -5.67
N SER B 12 -17.76 6.01 -6.25
CA SER B 12 -18.03 7.43 -6.42
C SER B 12 -19.05 7.85 -5.39
N ALA B 13 -18.79 8.95 -4.69
CA ALA B 13 -19.74 9.39 -3.66
C ALA B 13 -19.63 10.89 -3.49
N SER B 14 -20.60 11.46 -2.79
CA SER B 14 -20.67 12.89 -2.58
C SER B 14 -20.40 13.19 -1.11
N VAL B 15 -19.86 14.38 -0.86
CA VAL B 15 -19.70 14.83 0.51
C VAL B 15 -21.03 14.71 1.23
N GLY B 16 -20.99 14.14 2.43
CA GLY B 16 -22.21 13.88 3.19
C GLY B 16 -22.78 12.50 3.03
N ASP B 17 -22.36 11.76 2.01
CA ASP B 17 -22.83 10.40 1.84
C ASP B 17 -22.27 9.47 2.90
N ARG B 18 -23.04 8.42 3.18
CA ARG B 18 -22.48 7.26 3.87
C ARG B 18 -21.75 6.37 2.86
N VAL B 19 -20.56 5.92 3.25
CA VAL B 19 -19.75 5.03 2.43
C VAL B 19 -19.50 3.77 3.25
N THR B 20 -19.68 2.60 2.64
CA THR B 20 -19.30 1.34 3.28
C THR B 20 -18.41 0.56 2.35
N ILE B 21 -17.32 0.03 2.90
CA ILE B 21 -16.36 -0.77 2.16
C ILE B 21 -16.26 -2.10 2.88
N THR B 22 -16.28 -3.19 2.14
CA THR B 22 -16.22 -4.50 2.78
C THR B 22 -14.91 -5.20 2.47
N CYS B 23 -14.51 -6.05 3.41
CA CYS B 23 -13.28 -6.82 3.31
C CYS B 23 -13.64 -8.23 3.73
N ARG B 24 -13.57 -9.19 2.82
CA ARG B 24 -13.82 -10.59 3.13
CA ARG B 24 -13.82 -10.59 3.14
C ARG B 24 -12.49 -11.33 3.20
N ILE B 25 -12.34 -12.15 4.24
CA ILE B 25 -11.10 -12.86 4.52
C ILE B 25 -11.28 -14.33 4.20
N SER B 26 -10.23 -14.97 3.70
CA SER B 26 -10.32 -16.38 3.37
C SER B 26 -10.34 -17.29 4.59
N GLU B 27 -10.00 -16.80 5.78
CA GLU B 27 -10.11 -17.63 6.98
C GLU B 27 -10.37 -16.74 8.18
N ASN B 28 -10.71 -17.39 9.30
CA ASN B 28 -11.09 -16.69 10.52
C ASN B 28 -9.87 -15.98 11.12
N ILE B 29 -9.95 -14.67 11.21
CA ILE B 29 -8.88 -13.89 11.82
C ILE B 29 -9.33 -13.20 13.09
N TYR B 30 -10.48 -13.60 13.64
CA TYR B 30 -11.03 -13.02 14.87
C TYR B 30 -11.17 -11.52 14.60
N SER B 31 -10.63 -10.64 15.42
CA SER B 31 -10.76 -9.22 15.18
C SER B 31 -9.45 -8.59 14.76
N ASN B 32 -8.50 -9.41 14.27
CA ASN B 32 -7.14 -8.94 13.98
C ASN B 32 -7.08 -8.33 12.58
N LEU B 33 -7.74 -7.20 12.44
CA LEU B 33 -7.91 -6.55 11.15
C LEU B 33 -7.77 -5.06 11.34
N ALA B 34 -7.06 -4.41 10.43
CA ALA B 34 -6.92 -2.97 10.50
C ALA B 34 -7.35 -2.38 9.17
N TRP B 35 -7.75 -1.12 9.23
CA TRP B 35 -8.11 -0.35 8.04
C TRP B 35 -7.21 0.87 7.94
N TYR B 36 -6.78 1.19 6.71
CA TYR B 36 -5.91 2.32 6.46
C TYR B 36 -6.48 3.20 5.36
N GLN B 37 -6.11 4.47 5.43
CA GLN B 37 -6.39 5.44 4.39
C GLN B 37 -5.08 5.81 3.74
N GLN B 38 -5.07 5.93 2.41
CA GLN B 38 -3.86 6.40 1.76
C GLN B 38 -4.19 7.45 0.70
N LYS B 39 -3.52 8.57 0.78
CA LYS B 39 -3.62 9.58 -0.24
C LYS B 39 -2.40 9.55 -1.14
N PRO B 40 -2.53 10.02 -2.38
CA PRO B 40 -1.40 9.94 -3.33
C PRO B 40 -0.14 10.60 -2.77
N GLY B 41 0.98 9.89 -2.90
CA GLY B 41 2.26 10.39 -2.44
C GLY B 41 2.49 10.32 -0.95
N LYS B 42 1.57 9.72 -0.20
CA LYS B 42 1.65 9.67 1.25
C LYS B 42 1.66 8.23 1.75
N ALA B 43 2.26 8.03 2.92
CA ALA B 43 2.17 6.75 3.58
C ALA B 43 0.73 6.46 3.99
N PRO B 44 0.35 5.20 4.10
CA PRO B 44 -0.96 4.87 4.65
C PRO B 44 -1.10 5.40 6.08
N LYS B 45 -2.33 5.68 6.45
CA LYS B 45 -2.65 6.17 7.79
C LYS B 45 -3.64 5.22 8.43
N LEU B 46 -3.34 4.80 9.66
CA LEU B 46 -4.20 3.88 10.36
C LEU B 46 -5.51 4.56 10.76
N LEU B 47 -6.62 3.90 10.46
CA LEU B 47 -7.96 4.38 10.81
C LEU B 47 -8.60 3.58 11.91
N ILE B 48 -8.61 2.27 11.74
CA ILE B 48 -9.32 1.32 12.58
C ILE B 48 -8.37 0.18 12.89
N TYR B 49 -8.36 -0.28 14.13
CA TYR B 49 -7.59 -1.47 14.48
C TYR B 49 -8.46 -2.40 15.31
N ALA B 50 -8.00 -3.64 15.44
CA ALA B 50 -8.76 -4.68 16.12
C ALA B 50 -10.20 -4.69 15.61
N ALA B 51 -10.34 -4.53 14.28
CA ALA B 51 -11.61 -4.57 13.55
C ALA B 51 -12.54 -3.40 13.83
N ILE B 52 -12.66 -2.93 15.08
CA ILE B 52 -13.74 -2.03 15.45
C ILE B 52 -13.28 -0.83 16.26
N ASN B 53 -11.99 -0.69 16.54
CA ASN B 53 -11.52 0.38 17.41
C ASN B 53 -11.02 1.54 16.56
N LEU B 54 -11.43 2.73 16.92
CA LEU B 54 -11.01 3.93 16.20
C LEU B 54 -9.62 4.34 16.67
N ALA B 55 -8.69 4.47 15.73
CA ALA B 55 -7.33 4.85 16.07
C ALA B 55 -7.29 6.27 16.61
N ASP B 56 -6.28 6.55 17.44
CA ASP B 56 -6.11 7.85 18.06
C ASP B 56 -6.13 8.99 17.05
N GLY B 57 -6.96 9.99 17.31
CA GLY B 57 -7.01 11.18 16.48
C GLY B 57 -7.86 11.06 15.23
N VAL B 58 -8.33 9.87 14.89
CA VAL B 58 -9.11 9.66 13.67
C VAL B 58 -10.53 10.12 13.94
N PRO B 59 -11.18 10.83 13.02
CA PRO B 59 -12.55 11.29 13.27
C PRO B 59 -13.53 10.15 13.48
N SER B 60 -14.55 10.41 14.32
CA SER B 60 -15.49 9.35 14.67
C SER B 60 -16.42 8.98 13.53
N ARG B 61 -16.45 9.74 12.44
CA ARG B 61 -17.24 9.33 11.28
C ARG B 61 -16.72 8.02 10.68
N PHE B 62 -15.49 7.63 10.98
CA PHE B 62 -14.97 6.33 10.60
C PHE B 62 -15.34 5.29 11.63
N SER B 63 -15.83 4.14 11.18
CA SER B 63 -16.08 3.06 12.12
C SER B 63 -15.86 1.75 11.40
N GLY B 64 -15.44 0.75 12.16
CA GLY B 64 -15.23 -0.58 11.62
C GLY B 64 -16.18 -1.54 12.30
N SER B 65 -16.56 -2.58 11.58
CA SER B 65 -17.34 -3.61 12.22
C SER B 65 -16.96 -4.95 11.60
N GLY B 66 -17.37 -6.02 12.26
CA GLY B 66 -17.13 -7.36 11.77
C GLY B 66 -16.06 -8.06 12.57
N SER B 67 -15.96 -9.35 12.30
CA SER B 67 -15.01 -10.24 12.92
C SER B 67 -15.02 -11.49 12.08
N GLY B 68 -13.99 -12.31 12.26
CA GLY B 68 -14.00 -13.60 11.61
C GLY B 68 -13.52 -13.45 10.19
N THR B 69 -14.45 -13.42 9.24
CA THR B 69 -14.09 -13.35 7.82
C THR B 69 -14.79 -12.24 7.07
N ASP B 70 -15.58 -11.41 7.74
CA ASP B 70 -16.34 -10.38 7.04
CA ASP B 70 -16.38 -10.38 7.06
C ASP B 70 -16.25 -9.09 7.85
N PHE B 71 -15.71 -8.05 7.23
CA PHE B 71 -15.43 -6.80 7.91
C PHE B 71 -15.92 -5.66 7.06
N THR B 72 -16.26 -4.55 7.70
CA THR B 72 -16.78 -3.38 6.99
CA THR B 72 -16.67 -3.39 6.92
C THR B 72 -16.17 -2.11 7.57
N LEU B 73 -15.74 -1.22 6.70
CA LEU B 73 -15.35 0.12 7.08
C LEU B 73 -16.49 1.03 6.68
N THR B 74 -16.97 1.84 7.61
CA THR B 74 -18.05 2.76 7.32
C THR B 74 -17.57 4.19 7.55
N ILE B 75 -17.84 5.07 6.59
CA ILE B 75 -17.65 6.50 6.79
C ILE B 75 -19.04 7.09 6.83
N SER B 76 -19.43 7.55 8.02
CA SER B 76 -20.84 7.88 8.27
C SER B 76 -21.27 9.10 7.48
N SER B 77 -20.35 10.03 7.20
CA SER B 77 -20.69 11.27 6.51
C SER B 77 -19.42 11.71 5.80
N LEU B 78 -19.34 11.41 4.52
CA LEU B 78 -18.11 11.62 3.77
C LEU B 78 -17.72 13.10 3.79
N GLN B 79 -16.49 13.35 4.13
CA GLN B 79 -15.96 14.70 4.18
C GLN B 79 -15.05 14.94 2.97
N PRO B 80 -14.85 16.20 2.57
CA PRO B 80 -14.04 16.44 1.37
C PRO B 80 -12.64 15.87 1.48
N GLU B 81 -12.08 15.79 2.68
CA GLU B 81 -10.74 15.26 2.84
C GLU B 81 -10.70 13.74 2.87
N ASP B 82 -11.83 13.07 2.69
CA ASP B 82 -11.90 11.62 2.82
C ASP B 82 -11.74 10.90 1.50
N PHE B 83 -11.68 11.63 0.39
CA PHE B 83 -11.48 10.98 -0.89
C PHE B 83 -10.04 10.51 -0.98
N ALA B 84 -9.87 9.20 -1.08
CA ALA B 84 -8.58 8.56 -0.87
C ALA B 84 -8.77 7.10 -1.23
N THR B 85 -7.70 6.33 -1.09
CA THR B 85 -7.78 4.88 -1.23
C THR B 85 -7.75 4.27 0.15
N TYR B 86 -8.57 3.24 0.35
CA TYR B 86 -8.68 2.57 1.63
C TYR B 86 -8.22 1.12 1.49
N TYR B 87 -7.52 0.61 2.50
CA TYR B 87 -7.03 -0.76 2.51
C TYR B 87 -7.39 -1.44 3.81
N CYS B 88 -7.81 -2.69 3.73
CA CYS B 88 -7.83 -3.52 4.93
C CYS B 88 -6.55 -4.34 4.99
N GLN B 89 -6.23 -4.83 6.19
CA GLN B 89 -5.02 -5.62 6.34
C GLN B 89 -5.24 -6.55 7.51
N HIS B 90 -4.90 -7.83 7.36
CA HIS B 90 -5.01 -8.72 8.50
C HIS B 90 -3.71 -8.74 9.30
N PHE B 91 -3.85 -9.04 10.59
CA PHE B 91 -2.69 -9.26 11.45
C PHE B 91 -2.77 -10.67 12.00
N TRP B 92 -2.87 -11.64 11.11
CA TRP B 92 -3.05 -13.03 11.50
C TRP B 92 -1.84 -13.81 10.98
N GLY B 93 -0.90 -14.13 11.87
CA GLY B 93 0.20 -14.98 11.46
C GLY B 93 1.11 -14.28 10.46
N THR B 94 1.46 -15.00 9.39
CA THR B 94 2.38 -14.45 8.42
C THR B 94 2.13 -15.16 7.10
N PRO B 95 2.28 -14.48 5.97
CA PRO B 95 2.57 -13.04 5.86
C PRO B 95 1.34 -12.17 6.05
N PHE B 96 1.53 -10.96 6.56
CA PHE B 96 0.43 -10.01 6.55
C PHE B 96 0.08 -9.72 5.10
N THR B 97 -1.20 -9.61 4.84
CA THR B 97 -1.65 -9.27 3.49
C THR B 97 -2.70 -8.17 3.56
N PHE B 98 -2.75 -7.39 2.50
CA PHE B 98 -3.66 -6.28 2.37
C PHE B 98 -4.75 -6.60 1.36
N GLY B 99 -5.92 -6.02 1.58
CA GLY B 99 -6.90 -5.94 0.52
C GLY B 99 -6.37 -5.15 -0.65
N GLN B 100 -7.04 -5.28 -1.78
CA GLN B 100 -6.50 -4.67 -2.99
C GLN B 100 -6.75 -3.17 -3.06
N GLY B 101 -7.52 -2.62 -2.14
CA GLY B 101 -7.72 -1.18 -2.09
C GLY B 101 -9.05 -0.79 -2.66
N THR B 102 -9.67 0.22 -2.07
CA THR B 102 -10.90 0.81 -2.57
C THR B 102 -10.63 2.30 -2.77
N LYS B 103 -10.76 2.77 -4.01
CA LYS B 103 -10.51 4.17 -4.31
C LYS B 103 -11.84 4.90 -4.26
N LEU B 104 -11.94 5.86 -3.36
CA LEU B 104 -13.12 6.68 -3.19
CA LEU B 104 -13.11 6.70 -3.16
C LEU B 104 -12.91 7.98 -3.95
N GLU B 105 -13.76 8.22 -4.94
CA GLU B 105 -13.61 9.41 -5.78
C GLU B 105 -14.88 10.24 -5.68
N ILE B 106 -14.82 11.47 -6.21
CA ILE B 106 -15.89 12.44 -6.02
C ILE B 106 -16.91 12.33 -7.15
N LYS B 107 -18.16 12.12 -6.77
CA LYS B 107 -19.24 12.09 -7.75
C LYS B 107 -19.54 13.50 -8.26
N ARG B 108 -19.81 13.60 -9.57
CA ARG B 108 -20.28 14.84 -10.16
C ARG B 108 -21.10 14.50 -11.40
N THR B 109 -21.63 15.52 -12.05
CA THR B 109 -22.41 15.27 -13.25
C THR B 109 -21.51 14.82 -14.39
N VAL B 110 -22.12 14.16 -15.37
CA VAL B 110 -21.37 13.74 -16.55
C VAL B 110 -20.87 14.97 -17.27
N ALA B 111 -19.62 14.91 -17.70
CA ALA B 111 -19.02 15.97 -18.52
C ALA B 111 -18.30 15.29 -19.67
N ALA B 112 -18.69 15.64 -20.89
CA ALA B 112 -18.01 15.11 -22.06
C ALA B 112 -16.61 15.71 -22.18
N PRO B 113 -15.63 14.94 -22.63
CA PRO B 113 -14.30 15.51 -22.85
C PRO B 113 -14.31 16.44 -24.05
N SER B 114 -13.48 17.49 -23.94
CA SER B 114 -13.05 18.22 -25.12
C SER B 114 -11.83 17.51 -25.67
N VAL B 115 -11.84 17.19 -26.96
CA VAL B 115 -10.81 16.34 -27.55
C VAL B 115 -9.93 17.18 -28.45
N PHE B 116 -8.62 16.99 -28.33
CA PHE B 116 -7.66 17.69 -29.17
C PHE B 116 -6.63 16.68 -29.66
N ILE B 117 -6.20 16.84 -30.90
CA ILE B 117 -5.14 16.00 -31.44
C ILE B 117 -3.98 16.90 -31.84
N PHE B 118 -2.76 16.47 -31.51
CA PHE B 118 -1.56 17.22 -31.81
C PHE B 118 -0.64 16.40 -32.70
N PRO B 119 -0.29 16.88 -33.88
CA PRO B 119 0.66 16.17 -34.71
C PRO B 119 2.04 16.22 -34.08
N PRO B 120 2.93 15.31 -34.46
CA PRO B 120 4.31 15.44 -34.01
C PRO B 120 4.90 16.75 -34.52
N SER B 121 5.71 17.37 -33.67
CA SER B 121 6.41 18.58 -34.03
C SER B 121 7.49 18.28 -35.07
N ASP B 122 7.75 19.28 -35.92
CA ASP B 122 8.89 19.14 -36.82
C ASP B 122 10.19 18.93 -36.04
N GLU B 123 10.31 19.55 -34.87
CA GLU B 123 11.49 19.34 -34.02
C GLU B 123 11.69 17.86 -33.71
N GLN B 124 10.62 17.20 -33.24
CA GLN B 124 10.77 15.79 -32.91
C GLN B 124 11.07 14.95 -34.14
N LEU B 125 10.44 15.27 -35.27
CA LEU B 125 10.65 14.45 -36.46
C LEU B 125 12.11 14.42 -36.87
N LYS B 126 12.81 15.56 -36.71
CA LYS B 126 14.25 15.61 -36.97
C LYS B 126 15.00 14.51 -36.24
N SER B 127 14.51 14.06 -35.09
CA SER B 127 15.18 13.01 -34.32
C SER B 127 14.75 11.61 -34.75
N GLY B 128 13.84 11.47 -35.71
CA GLY B 128 13.49 10.17 -36.21
C GLY B 128 12.35 9.48 -35.49
N THR B 129 11.68 10.16 -34.57
CA THR B 129 10.53 9.63 -33.87
C THR B 129 9.33 10.52 -34.10
N ALA B 130 8.14 9.92 -34.11
CA ALA B 130 6.89 10.65 -34.22
C ALA B 130 6.00 10.26 -33.05
N SER B 131 5.58 11.26 -32.28
CA SER B 131 4.60 11.08 -31.23
C SER B 131 3.36 11.88 -31.62
N VAL B 132 2.21 11.21 -31.69
CA VAL B 132 0.93 11.87 -31.90
C VAL B 132 0.19 11.86 -30.57
N VAL B 133 -0.28 13.02 -30.13
CA VAL B 133 -0.89 13.15 -28.82
C VAL B 133 -2.37 13.47 -29.00
N CYS B 134 -3.21 12.73 -28.29
CA CYS B 134 -4.65 12.99 -28.19
C CYS B 134 -4.96 13.39 -26.76
N LEU B 135 -5.61 14.53 -26.60
CA LEU B 135 -5.97 15.06 -25.29
C LEU B 135 -7.47 14.98 -25.10
N LEU B 136 -7.90 14.41 -23.99
CA LEU B 136 -9.30 14.41 -23.56
C LEU B 136 -9.34 15.29 -22.33
N ASN B 137 -9.99 16.45 -22.44
CA ASN B 137 -9.89 17.48 -21.42
C ASN B 137 -11.17 17.55 -20.59
N ASN B 138 -10.99 17.44 -19.27
CA ASN B 138 -12.02 17.74 -18.25
C ASN B 138 -13.32 16.97 -18.51
N PHE B 139 -13.24 15.67 -18.29
CA PHE B 139 -14.39 14.80 -18.47
C PHE B 139 -14.72 14.06 -17.19
N TYR B 140 -15.94 13.52 -17.17
CA TYR B 140 -16.43 12.73 -16.05
C TYR B 140 -17.57 11.87 -16.53
N PRO B 141 -17.63 10.57 -16.19
CA PRO B 141 -16.72 9.85 -15.29
C PRO B 141 -15.38 9.51 -15.93
N ARG B 142 -14.55 8.78 -15.19
CA ARG B 142 -13.19 8.52 -15.65
C ARG B 142 -13.16 7.57 -16.82
N GLU B 143 -14.14 6.67 -16.91
CA GLU B 143 -14.13 5.66 -17.97
C GLU B 143 -14.19 6.31 -19.34
N ALA B 144 -13.27 5.91 -20.21
CA ALA B 144 -13.15 6.51 -21.52
C ALA B 144 -12.27 5.63 -22.38
N LYS B 145 -12.62 5.50 -23.65
CA LYS B 145 -11.88 4.69 -24.60
C LYS B 145 -11.32 5.59 -25.69
N VAL B 146 -10.02 5.52 -25.91
CA VAL B 146 -9.36 6.25 -26.98
C VAL B 146 -8.88 5.22 -27.99
N GLN B 147 -9.21 5.43 -29.26
CA GLN B 147 -8.80 4.55 -30.33
C GLN B 147 -8.04 5.36 -31.35
N TRP B 148 -6.86 4.88 -31.71
CA TRP B 148 -6.04 5.52 -32.72
C TRP B 148 -6.30 4.85 -34.06
N LYS B 149 -6.42 5.67 -35.10
CA LYS B 149 -6.57 5.18 -36.46
C LYS B 149 -5.57 5.93 -37.33
N VAL B 150 -4.84 5.18 -38.15
CA VAL B 150 -3.87 5.72 -39.09
C VAL B 150 -4.33 5.29 -40.48
N ASP B 151 -4.83 6.24 -41.26
CA ASP B 151 -5.51 5.94 -42.53
C ASP B 151 -6.61 4.90 -42.33
N ASN B 152 -7.43 5.12 -41.30
CA ASN B 152 -8.54 4.27 -40.89
C ASN B 152 -8.12 2.86 -40.47
N ALA B 153 -6.84 2.62 -40.26
CA ALA B 153 -6.38 1.35 -39.71
C ALA B 153 -6.31 1.46 -38.18
N LEU B 154 -7.06 0.60 -37.48
CA LEU B 154 -7.10 0.64 -36.02
C LEU B 154 -5.75 0.27 -35.46
N GLN B 155 -5.18 1.16 -34.65
CA GLN B 155 -3.90 0.91 -34.00
C GLN B 155 -4.09 0.17 -32.68
N SER B 156 -3.10 -0.65 -32.34
CA SER B 156 -3.12 -1.31 -31.04
C SER B 156 -1.69 -1.62 -30.62
N GLY B 157 -1.36 -1.32 -29.37
CA GLY B 157 -0.05 -1.63 -28.83
C GLY B 157 0.98 -0.53 -28.94
N ASN B 158 0.72 0.51 -29.73
CA ASN B 158 1.70 1.58 -29.91
C ASN B 158 1.23 2.90 -29.30
N SER B 159 0.34 2.83 -28.32
CA SER B 159 -0.08 4.02 -27.61
C SER B 159 0.00 3.80 -26.11
N GLN B 160 0.28 4.87 -25.38
CA GLN B 160 0.28 4.86 -23.93
C GLN B 160 -0.62 6.00 -23.44
N GLU B 161 -1.32 5.73 -22.34
CA GLU B 161 -2.31 6.63 -21.80
C GLU B 161 -1.88 7.06 -20.41
N SER B 162 -2.33 8.24 -20.02
CA SER B 162 -2.06 8.78 -18.70
C SER B 162 -3.26 9.63 -18.30
N VAL B 163 -3.71 9.50 -17.06
CA VAL B 163 -4.89 10.21 -16.59
C VAL B 163 -4.53 11.03 -15.37
N THR B 164 -5.02 12.27 -15.32
CA THR B 164 -4.81 13.08 -14.13
C THR B 164 -5.67 12.58 -12.99
N GLU B 165 -5.30 13.00 -11.79
CA GLU B 165 -6.21 12.80 -10.68
C GLU B 165 -7.35 13.80 -10.80
N GLN B 166 -8.43 13.51 -10.08
CA GLN B 166 -9.60 14.36 -10.12
C GLN B 166 -9.23 15.80 -9.80
N ASP B 167 -9.73 16.71 -10.62
CA ASP B 167 -9.41 18.12 -10.45
C ASP B 167 -10.00 18.65 -9.15
N SER B 168 -9.21 19.43 -8.40
CA SER B 168 -9.68 19.89 -7.10
C SER B 168 -10.83 20.89 -7.24
N LYS B 169 -10.96 21.56 -8.38
CA LYS B 169 -12.03 22.52 -8.56
C LYS B 169 -13.28 21.89 -9.16
N ASP B 170 -13.15 21.21 -10.30
CA ASP B 170 -14.33 20.74 -11.02
C ASP B 170 -14.50 19.22 -11.00
N SER B 171 -13.63 18.50 -10.29
CA SER B 171 -13.74 17.06 -10.09
C SER B 171 -13.74 16.28 -11.39
N THR B 172 -13.21 16.86 -12.47
CA THR B 172 -13.10 16.14 -13.73
C THR B 172 -11.74 15.45 -13.82
N TYR B 173 -11.63 14.58 -14.82
CA TYR B 173 -10.40 13.94 -15.24
C TYR B 173 -9.96 14.50 -16.58
N SER B 174 -8.66 14.41 -16.83
CA SER B 174 -8.14 14.63 -18.16
C SER B 174 -7.21 13.48 -18.51
N LEU B 175 -7.10 13.20 -19.80
CA LEU B 175 -6.39 12.02 -20.27
C LEU B 175 -5.55 12.43 -21.47
N SER B 176 -4.31 11.96 -21.47
CA SER B 176 -3.40 12.14 -22.59
C SER B 176 -3.06 10.77 -23.14
N SER B 177 -3.24 10.59 -24.45
CA SER B 177 -2.80 9.38 -25.13
C SER B 177 -1.76 9.77 -26.17
N THR B 178 -0.62 9.07 -26.14
CA THR B 178 0.44 9.29 -27.09
C THR B 178 0.57 8.07 -27.99
N LEU B 179 0.42 8.30 -29.29
CA LEU B 179 0.70 7.28 -30.30
C LEU B 179 2.13 7.46 -30.78
N THR B 180 2.91 6.39 -30.72
CA THR B 180 4.32 6.45 -31.10
C THR B 180 4.52 5.60 -32.36
N LEU B 181 5.04 6.25 -33.40
CA LEU B 181 5.44 5.60 -34.63
C LEU B 181 6.85 6.01 -34.96
N SER B 182 7.54 5.17 -35.71
CA SER B 182 8.80 5.60 -36.31
C SER B 182 8.53 6.75 -37.27
N LYS B 183 9.55 7.59 -37.49
CA LYS B 183 9.40 8.65 -38.48
C LYS B 183 9.03 8.08 -39.84
N ALA B 184 9.69 7.00 -40.24
CA ALA B 184 9.39 6.37 -41.52
C ALA B 184 7.91 6.01 -41.64
N ASP B 185 7.36 5.37 -40.60
CA ASP B 185 5.96 4.96 -40.66
C ASP B 185 5.03 6.16 -40.64
N TYR B 186 5.41 7.21 -39.88
CA TYR B 186 4.60 8.42 -39.88
C TYR B 186 4.50 9.01 -41.28
N GLU B 187 5.59 8.97 -42.04
CA GLU B 187 5.58 9.53 -43.38
C GLU B 187 4.95 8.63 -44.42
N LYS B 188 4.64 7.37 -44.09
CA LYS B 188 3.95 6.53 -45.05
C LYS B 188 2.43 6.70 -45.00
N HIS B 189 1.91 7.55 -44.10
CA HIS B 189 0.47 7.70 -43.95
C HIS B 189 0.09 9.16 -43.89
N LYS B 190 -1.21 9.43 -44.11
CA LYS B 190 -1.72 10.79 -44.22
C LYS B 190 -2.67 11.16 -43.10
N VAL B 191 -3.64 10.32 -42.78
CA VAL B 191 -4.71 10.68 -41.87
C VAL B 191 -4.46 10.04 -40.51
N TYR B 192 -4.34 10.85 -39.48
CA TYR B 192 -4.15 10.39 -38.12
C TYR B 192 -5.35 10.84 -37.29
N ALA B 193 -5.97 9.90 -36.58
CA ALA B 193 -7.20 10.20 -35.87
C ALA B 193 -7.22 9.50 -34.52
N CYS B 194 -7.78 10.17 -33.53
CA CYS B 194 -8.10 9.52 -32.27
C CYS B 194 -9.59 9.58 -32.08
N GLU B 195 -10.20 8.41 -31.89
CA GLU B 195 -11.62 8.26 -31.67
C GLU B 195 -11.86 8.11 -30.18
N VAL B 196 -12.75 8.93 -29.62
CA VAL B 196 -12.99 8.96 -28.18
C VAL B 196 -14.41 8.51 -27.92
N THR B 197 -14.55 7.49 -27.07
CA THR B 197 -15.84 7.01 -26.59
C THR B 197 -15.96 7.41 -25.13
N HIS B 198 -17.09 8.01 -24.76
CA HIS B 198 -17.31 8.45 -23.40
C HIS B 198 -18.80 8.60 -23.15
N GLN B 199 -19.20 8.45 -21.88
CA GLN B 199 -20.63 8.51 -21.55
C GLN B 199 -21.25 9.85 -21.92
N GLY B 200 -20.46 10.92 -21.88
CA GLY B 200 -20.96 12.24 -22.19
C GLY B 200 -21.09 12.56 -23.66
N LEU B 201 -20.70 11.64 -24.53
CA LEU B 201 -20.80 11.80 -25.98
C LEU B 201 -21.88 10.87 -26.50
N SER B 202 -22.87 11.44 -27.21
CA SER B 202 -23.92 10.63 -27.81
C SER B 202 -23.35 9.58 -28.77
N SER B 203 -22.22 9.88 -29.40
CA SER B 203 -21.53 8.96 -30.29
C SER B 203 -20.04 9.25 -30.20
N PRO B 204 -19.19 8.31 -30.61
CA PRO B 204 -17.74 8.55 -30.54
C PRO B 204 -17.35 9.80 -31.31
N VAL B 205 -16.39 10.54 -30.77
CA VAL B 205 -15.89 11.78 -31.34
C VAL B 205 -14.51 11.53 -31.93
N THR B 206 -14.32 11.91 -33.19
CA THR B 206 -13.05 11.71 -33.87
C THR B 206 -12.43 13.07 -34.15
N LYS B 207 -11.20 13.27 -33.68
CA LYS B 207 -10.38 14.41 -34.07
C LYS B 207 -9.23 13.86 -34.91
N SER B 208 -8.97 14.51 -36.04
CA SER B 208 -7.93 14.02 -36.92
C SER B 208 -7.22 15.19 -37.59
N PHE B 209 -6.09 14.86 -38.21
CA PHE B 209 -5.37 15.80 -39.05
C PHE B 209 -4.77 15.04 -40.22
N ASN B 210 -4.48 15.77 -41.30
CA ASN B 210 -3.71 15.26 -42.42
C ASN B 210 -2.27 15.73 -42.28
N ARG B 211 -1.33 14.78 -42.30
CA ARG B 211 0.08 15.11 -42.28
C ARG B 211 0.32 16.20 -43.33
N GLY B 212 0.64 17.41 -42.88
CA GLY B 212 0.67 18.57 -43.76
C GLY B 212 -0.18 19.73 -43.25
N GLY C 31 16.27 -5.77 30.49
CA GLY C 31 16.23 -7.12 29.93
C GLY C 31 14.91 -7.43 29.27
N CYS C 32 13.92 -7.78 30.08
CA CYS C 32 12.59 -7.98 29.53
C CYS C 32 11.94 -6.62 29.24
N PRO C 33 11.10 -6.54 28.22
CA PRO C 33 10.43 -5.28 27.91
C PRO C 33 9.55 -4.84 29.06
N VAL C 34 9.22 -3.54 29.05
CA VAL C 34 8.28 -3.02 30.04
C VAL C 34 7.00 -3.85 30.00
N ASN C 35 6.43 -4.10 31.18
CA ASN C 35 5.23 -4.89 31.41
C ASN C 35 5.44 -6.38 31.17
N TRP C 36 6.66 -6.82 30.88
CA TRP C 36 6.99 -8.24 30.91
C TRP C 36 7.75 -8.58 32.17
N VAL C 37 7.71 -9.85 32.55
CA VAL C 37 8.27 -10.33 33.80
C VAL C 37 9.36 -11.35 33.50
N GLU C 38 10.52 -11.19 34.12
CA GLU C 38 11.64 -12.10 33.91
C GLU C 38 11.59 -13.27 34.87
N HIS C 39 11.82 -14.47 34.34
CA HIS C 39 11.98 -15.66 35.16
C HIS C 39 12.84 -16.66 34.41
N GLU C 40 14.00 -17.00 34.97
CA GLU C 40 14.86 -18.08 34.48
C GLU C 40 15.07 -18.01 32.98
N ARG C 41 15.64 -16.91 32.54
CA ARG C 41 16.03 -16.65 31.15
CA ARG C 41 16.03 -16.68 31.15
C ARG C 41 14.85 -16.59 30.19
N SER C 42 13.62 -16.46 30.69
CA SER C 42 12.48 -16.18 29.84
C SER C 42 11.82 -14.88 30.29
N CYS C 43 11.15 -14.23 29.35
CA CYS C 43 10.31 -13.07 29.63
C CYS C 43 8.87 -13.47 29.40
N TYR C 44 7.98 -13.04 30.29
CA TYR C 44 6.59 -13.46 30.25
C TYR C 44 5.68 -12.25 30.27
N TRP C 45 4.57 -12.35 29.55
CA TRP C 45 3.57 -11.29 29.54
C TRP C 45 2.24 -11.90 29.91
N PHE C 46 1.61 -11.36 30.95
CA PHE C 46 0.35 -11.89 31.46
C PHE C 46 -0.80 -11.01 31.02
N SER C 47 -1.70 -11.57 30.21
CA SER C 47 -2.85 -10.79 29.73
C SER C 47 -3.78 -10.44 30.88
N ARG C 48 -4.51 -9.35 30.71
CA ARG C 48 -5.58 -9.00 31.63
C ARG C 48 -6.94 -9.12 30.97
N SER C 49 -6.98 -9.57 29.72
CA SER C 49 -8.20 -9.76 28.97
C SER C 49 -8.16 -11.19 28.43
N GLY C 50 -9.27 -11.60 27.82
CA GLY C 50 -9.43 -12.96 27.36
C GLY C 50 -9.43 -13.04 25.85
N LYS C 51 -8.95 -14.17 25.34
CA LYS C 51 -8.97 -14.44 23.91
C LYS C 51 -9.19 -15.92 23.71
N ALA C 52 -9.85 -16.27 22.60
CA ALA C 52 -9.85 -17.65 22.16
C ALA C 52 -8.41 -18.10 21.97
N TRP C 53 -8.16 -19.40 22.16
CA TRP C 53 -6.80 -19.90 22.17
C TRP C 53 -6.03 -19.51 20.91
N ALA C 54 -6.62 -19.68 19.72
CA ALA C 54 -5.89 -19.36 18.49
C ALA C 54 -5.56 -17.88 18.42
N ASP C 55 -6.49 -17.05 18.89
CA ASP C 55 -6.29 -15.61 18.90
C ASP C 55 -5.17 -15.24 19.89
N ALA C 56 -5.15 -15.91 21.04
CA ALA C 56 -4.06 -15.69 21.97
C ALA C 56 -2.73 -16.17 21.39
N ASP C 57 -2.74 -17.33 20.74
CA ASP C 57 -1.55 -17.87 20.09
C ASP C 57 -1.01 -16.88 19.07
N ASN C 58 -1.92 -16.31 18.26
CA ASN C 58 -1.53 -15.31 17.28
C ASN C 58 -0.94 -14.08 17.95
N TYR C 59 -1.59 -13.60 19.01
CA TYR C 59 -1.11 -12.41 19.71
C TYR C 59 0.33 -12.62 20.20
N CYS C 60 0.61 -13.78 20.81
CA CYS C 60 1.97 -14.01 21.29
C CYS C 60 2.97 -14.05 20.15
N ARG C 61 2.59 -14.68 19.05
CA ARG C 61 3.46 -14.71 17.87
C ARG C 61 3.79 -13.30 17.39
N LEU C 62 2.78 -12.43 17.34
CA LEU C 62 3.01 -11.07 16.87
C LEU C 62 3.77 -10.24 17.90
N GLU C 63 3.87 -10.71 19.14
CA GLU C 63 4.73 -10.11 20.15
C GLU C 63 6.14 -10.70 20.15
N ASP C 64 6.53 -11.41 19.08
CA ASP C 64 7.82 -12.11 19.02
C ASP C 64 7.94 -13.12 20.17
N ALA C 65 6.84 -13.81 20.45
CA ALA C 65 6.79 -14.68 21.62
C ALA C 65 5.93 -15.89 21.27
N HIS C 66 5.64 -16.70 22.29
CA HIS C 66 4.75 -17.83 22.08
C HIS C 66 3.94 -18.03 23.35
N LEU C 67 2.79 -18.67 23.20
CA LEU C 67 2.04 -19.03 24.40
C LEU C 67 2.94 -19.84 25.32
N VAL C 68 2.80 -19.59 26.62
CA VAL C 68 3.80 -20.08 27.56
C VAL C 68 3.92 -21.60 27.48
N VAL C 69 5.15 -22.09 27.53
CA VAL C 69 5.47 -23.52 27.51
C VAL C 69 6.09 -23.81 28.86
N VAL C 70 5.48 -24.72 29.60
CA VAL C 70 5.85 -24.96 30.99
C VAL C 70 6.57 -26.29 31.07
N THR C 71 7.84 -26.27 31.49
CA THR C 71 8.65 -27.48 31.45
C THR C 71 9.25 -27.85 32.80
N SER C 72 8.85 -27.16 33.87
CA SER C 72 9.36 -27.53 35.19
C SER C 72 8.39 -27.05 36.26
N TRP C 73 8.52 -27.65 37.44
CA TRP C 73 7.74 -27.16 38.58
C TRP C 73 8.05 -25.71 38.88
N GLU C 74 9.32 -25.31 38.75
CA GLU C 74 9.71 -23.94 39.08
C GLU C 74 8.98 -22.96 38.18
N GLU C 75 8.91 -23.27 36.90
CA GLU C 75 8.21 -22.41 35.94
C GLU C 75 6.71 -22.45 36.19
N GLN C 76 6.18 -23.63 36.48
CA GLN C 76 4.76 -23.78 36.80
C GLN C 76 4.37 -22.90 37.98
N LYS C 77 5.17 -22.94 39.04
CA LYS C 77 4.83 -22.16 40.23
C LYS C 77 4.94 -20.67 39.96
N PHE C 78 5.94 -20.27 39.17
CA PHE C 78 6.08 -18.87 38.81
C PHE C 78 4.86 -18.39 38.06
N VAL C 79 4.43 -19.17 37.06
CA VAL C 79 3.24 -18.77 36.30
C VAL C 79 2.03 -18.70 37.22
N GLN C 80 1.85 -19.72 38.08
CA GLN C 80 0.75 -19.72 39.04
C GLN C 80 0.70 -18.44 39.86
N HIS C 81 1.85 -18.02 40.38
CA HIS C 81 1.91 -16.82 41.21
C HIS C 81 1.37 -15.62 40.46
N HIS C 82 1.63 -15.54 39.16
CA HIS C 82 1.23 -14.36 38.42
C HIS C 82 -0.18 -14.42 37.86
N ILE C 83 -0.68 -15.61 37.55
CA ILE C 83 -2.03 -15.65 36.99
C ILE C 83 -3.08 -15.66 38.08
N GLY C 84 -2.75 -16.14 39.27
CA GLY C 84 -3.72 -16.31 40.32
C GLY C 84 -4.77 -17.34 39.95
N PRO C 85 -5.91 -17.28 40.59
CA PRO C 85 -6.94 -18.33 40.42
C PRO C 85 -7.84 -18.03 39.23
N VAL C 86 -7.25 -18.07 38.03
CA VAL C 86 -7.89 -17.58 36.82
C VAL C 86 -7.57 -18.54 35.69
N ASN C 87 -8.59 -18.99 34.96
CA ASN C 87 -8.35 -19.85 33.80
C ASN C 87 -7.50 -19.12 32.77
N THR C 88 -6.39 -19.74 32.37
CA THR C 88 -5.39 -19.05 31.59
C THR C 88 -4.80 -20.02 30.57
N TRP C 89 -4.88 -19.65 29.29
CA TRP C 89 -4.34 -20.51 28.26
C TRP C 89 -2.82 -20.64 28.36
N MET C 90 -2.34 -21.82 27.98
CA MET C 90 -0.93 -22.06 27.77
C MET C 90 -0.72 -22.59 26.36
N GLY C 91 0.55 -22.74 25.98
CA GLY C 91 0.86 -23.16 24.63
C GLY C 91 0.88 -24.67 24.46
N LEU C 92 -0.22 -25.31 24.83
CA LEU C 92 -0.31 -26.76 24.82
C LEU C 92 -1.66 -27.13 24.21
N HIS C 93 -1.64 -27.99 23.19
CA HIS C 93 -2.86 -28.26 22.44
C HIS C 93 -2.69 -29.61 21.76
N ASP C 94 -3.81 -30.23 21.40
CA ASP C 94 -3.70 -31.49 20.68
C ASP C 94 -4.32 -31.38 19.29
N GLN C 95 -4.17 -30.21 18.65
CA GLN C 95 -4.74 -30.01 17.32
C GLN C 95 -3.95 -30.69 16.20
N ASN C 96 -2.66 -30.99 16.42
CA ASN C 96 -1.87 -31.70 15.40
C ASN C 96 -2.03 -33.21 15.50
N GLY C 97 -2.75 -33.68 16.51
CA GLY C 97 -2.89 -35.09 16.79
C GLY C 97 -2.52 -35.38 18.22
N PRO C 98 -1.24 -35.62 18.47
CA PRO C 98 -0.78 -35.76 19.85
C PRO C 98 -0.80 -34.39 20.53
N TRP C 99 -0.77 -34.42 21.85
CA TRP C 99 -0.52 -33.18 22.57
C TRP C 99 0.85 -32.63 22.20
N LYS C 100 0.90 -31.33 21.92
CA LYS C 100 2.12 -30.68 21.50
C LYS C 100 2.22 -29.33 22.19
N TRP C 101 3.45 -28.97 22.54
CA TRP C 101 3.75 -27.60 22.95
C TRP C 101 4.02 -26.76 21.71
N VAL C 102 3.65 -25.47 21.78
CA VAL C 102 3.70 -24.62 20.58
C VAL C 102 5.14 -24.35 20.11
N ASP C 103 6.14 -24.55 20.95
CA ASP C 103 7.53 -24.32 20.54
C ASP C 103 8.24 -25.62 20.14
N GLY C 104 7.52 -26.74 20.04
CA GLY C 104 8.11 -28.00 19.66
C GLY C 104 8.67 -28.82 20.81
N THR C 105 8.68 -28.29 22.03
CA THR C 105 9.15 -29.09 23.15
C THR C 105 8.33 -30.36 23.25
N ASP C 106 9.01 -31.48 23.45
CA ASP C 106 8.34 -32.77 23.45
C ASP C 106 7.38 -32.89 24.63
N TYR C 107 6.15 -33.27 24.34
CA TYR C 107 5.14 -33.33 25.40
C TYR C 107 5.33 -34.57 26.26
N GLU C 108 5.49 -35.74 25.64
CA GLU C 108 5.45 -36.98 26.42
C GLU C 108 6.62 -37.11 27.39
N THR C 109 7.80 -36.62 27.02
CA THR C 109 8.94 -36.69 27.93
C THR C 109 9.00 -35.49 28.86
N GLY C 110 8.06 -34.56 28.76
CA GLY C 110 8.13 -33.32 29.48
C GLY C 110 7.26 -33.28 30.74
N PHE C 111 7.46 -32.22 31.50
CA PHE C 111 6.64 -31.90 32.65
C PHE C 111 5.16 -31.87 32.30
N LYS C 112 4.32 -32.42 33.18
CA LYS C 112 2.87 -32.37 33.02
C LYS C 112 2.27 -32.12 34.39
N ASN C 113 1.21 -31.32 34.43
CA ASN C 113 0.55 -31.00 35.69
C ASN C 113 -0.97 -30.97 35.49
N TRP C 114 -1.50 -32.00 34.85
CA TRP C 114 -2.92 -32.05 34.59
C TRP C 114 -3.71 -32.19 35.89
N ARG C 115 -4.88 -31.57 35.90
CA ARG C 115 -5.90 -31.91 36.89
C ARG C 115 -6.19 -33.40 36.84
N PRO C 116 -6.62 -34.00 37.94
CA PRO C 116 -6.99 -35.42 37.92
C PRO C 116 -8.02 -35.70 36.85
N GLU C 117 -7.82 -36.79 36.11
CA GLU C 117 -8.73 -37.18 35.02
C GLU C 117 -8.85 -36.10 33.95
N GLN C 118 -7.82 -35.28 33.79
CA GLN C 118 -7.63 -34.49 32.59
C GLN C 118 -6.34 -34.94 31.92
N PRO C 119 -6.22 -34.81 30.60
CA PRO C 119 -7.22 -34.28 29.64
C PRO C 119 -8.29 -35.30 29.30
N ASP C 120 -9.53 -34.86 29.07
CA ASP C 120 -10.63 -35.80 28.83
C ASP C 120 -11.36 -35.56 27.52
N ASP C 121 -11.01 -34.52 26.77
CA ASP C 121 -11.67 -34.22 25.50
C ASP C 121 -13.19 -34.23 25.63
N TRP C 122 -13.65 -33.47 26.62
CA TRP C 122 -15.07 -33.48 26.97
C TRP C 122 -15.89 -32.91 25.84
N TYR C 123 -17.01 -33.58 25.52
CA TYR C 123 -17.94 -33.10 24.52
C TYR C 123 -19.23 -32.57 25.11
N GLY C 124 -19.36 -32.58 26.44
CA GLY C 124 -20.62 -32.23 27.06
C GLY C 124 -20.84 -30.75 27.30
N HIS C 125 -19.91 -29.90 26.87
CA HIS C 125 -19.99 -28.47 27.17
C HIS C 125 -20.99 -27.72 26.32
N GLY C 126 -21.57 -28.35 25.30
CA GLY C 126 -22.50 -27.67 24.40
C GLY C 126 -21.90 -26.70 23.41
N LEU C 127 -20.60 -26.41 23.48
CA LEU C 127 -20.01 -25.42 22.58
C LEU C 127 -19.64 -26.01 21.22
N GLY C 128 -19.87 -27.30 21.00
CA GLY C 128 -19.44 -27.94 19.77
C GLY C 128 -18.02 -28.46 19.86
N GLY C 129 -17.83 -29.73 19.48
CA GLY C 129 -16.52 -30.33 19.45
C GLY C 129 -16.03 -30.73 20.83
N GLY C 130 -14.78 -31.13 20.87
CA GLY C 130 -14.17 -31.60 22.10
C GLY C 130 -13.41 -30.49 22.79
N GLU C 131 -12.28 -30.86 23.39
CA GLU C 131 -11.43 -29.90 24.09
C GLU C 131 -10.00 -30.11 23.63
N ASP C 132 -9.42 -29.09 23.01
CA ASP C 132 -8.15 -29.29 22.33
C ASP C 132 -7.05 -28.33 22.77
N CYS C 133 -7.31 -27.53 23.80
CA CYS C 133 -6.40 -26.47 24.23
C CYS C 133 -6.26 -26.56 25.73
N ALA C 134 -5.02 -26.50 26.23
CA ALA C 134 -4.79 -26.61 27.67
C ALA C 134 -4.77 -25.23 28.32
N HIS C 135 -5.35 -25.15 29.52
CA HIS C 135 -5.23 -23.94 30.33
C HIS C 135 -4.90 -24.31 31.76
N PHE C 136 -4.24 -23.36 32.43
CA PHE C 136 -4.18 -23.42 33.88
C PHE C 136 -5.58 -23.23 34.45
N THR C 137 -5.94 -24.04 35.42
CA THR C 137 -7.15 -23.83 36.17
C THR C 137 -6.85 -22.98 37.39
N ASP C 138 -7.88 -22.76 38.20
CA ASP C 138 -7.72 -21.85 39.33
C ASP C 138 -6.87 -22.42 40.46
N ASP C 139 -6.46 -23.70 40.40
CA ASP C 139 -5.48 -24.23 41.33
C ASP C 139 -4.13 -24.49 40.65
N GLY C 140 -3.98 -24.05 39.41
CA GLY C 140 -2.74 -24.19 38.68
C GLY C 140 -2.67 -25.43 37.82
N ARG C 141 -3.36 -26.49 38.20
CA ARG C 141 -3.28 -27.72 37.41
C ARG C 141 -4.05 -27.53 36.12
N TRP C 142 -3.68 -28.33 35.13
CA TRP C 142 -4.09 -28.06 33.77
C TRP C 142 -5.39 -28.77 33.42
N ASN C 143 -6.13 -28.17 32.51
CA ASN C 143 -7.32 -28.78 31.97
C ASN C 143 -7.33 -28.55 30.47
N ASP C 144 -7.81 -29.53 29.71
CA ASP C 144 -8.12 -29.27 28.31
C ASP C 144 -9.54 -28.70 28.23
N ASP C 145 -9.68 -27.65 27.45
CA ASP C 145 -10.95 -26.95 27.34
C ASP C 145 -11.18 -26.60 25.89
N VAL C 146 -12.35 -26.01 25.64
CA VAL C 146 -12.76 -25.62 24.30
C VAL C 146 -11.96 -24.41 23.87
N CYS C 147 -11.31 -24.51 22.72
CA CYS C 147 -10.36 -23.49 22.29
C CYS C 147 -11.02 -22.14 22.11
N GLN C 148 -12.32 -22.09 21.85
CA GLN C 148 -12.95 -20.79 21.61
C GLN C 148 -13.20 -19.99 22.88
N ARG C 149 -13.07 -20.58 24.08
CA ARG C 149 -13.33 -19.83 25.30
C ARG C 149 -12.35 -18.67 25.42
N PRO C 150 -12.81 -17.48 25.78
CA PRO C 150 -11.92 -16.31 25.90
C PRO C 150 -11.21 -16.25 27.25
N TYR C 151 -10.26 -17.15 27.41
CA TYR C 151 -9.46 -17.16 28.63
C TYR C 151 -8.32 -16.15 28.53
N ARG C 152 -7.81 -15.75 29.69
CA ARG C 152 -6.54 -15.06 29.71
C ARG C 152 -5.45 -15.96 29.14
N TRP C 153 -4.27 -15.38 28.90
CA TRP C 153 -3.16 -16.16 28.37
C TRP C 153 -1.85 -15.55 28.84
N VAL C 154 -0.79 -16.32 28.65
CA VAL C 154 0.56 -15.88 28.99
C VAL C 154 1.42 -16.03 27.76
N CYS C 155 2.12 -14.97 27.39
CA CYS C 155 3.13 -15.06 26.35
C CYS C 155 4.48 -15.30 27.00
N GLU C 156 5.34 -16.00 26.29
CA GLU C 156 6.70 -16.24 26.75
C GLU C 156 7.68 -16.05 25.61
N THR C 157 8.80 -15.41 25.90
CA THR C 157 9.88 -15.31 24.95
C THR C 157 11.19 -15.57 25.69
N GLU C 158 12.13 -16.18 25.01
CA GLU C 158 13.36 -16.66 25.63
C GLU C 158 14.49 -15.70 25.29
N LEU C 159 15.17 -15.18 26.31
CA LEU C 159 16.32 -14.30 26.11
C LEU C 159 17.52 -15.04 25.50
#